data_1PCG
#
_entry.id   1PCG
#
_cell.length_a   53.809
_cell.length_b   102.432
_cell.length_c   195.326
_cell.angle_alpha   90.00
_cell.angle_beta   90.00
_cell.angle_gamma   90.00
#
_symmetry.space_group_name_H-M   'C 2 2 21'
#
loop_
_entity.id
_entity.type
_entity.pdbx_description
1 polymer 'estrogen receptor'
2 polymer 'peptide inhibitor'
3 non-polymer ESTRADIOL
4 water water
#
loop_
_entity_poly.entity_id
_entity_poly.type
_entity_poly.pdbx_seq_one_letter_code
_entity_poly.pdbx_strand_id
1 'polypeptide(L)'
;NSLALSLTADQMVSALLDAEPPILYSEYDPTRPFSEASMMGLLTNLADRELVHMINWAKRVPGFVDLTLHDQVHLLESAW
LEILMIGLVWRSMEHPGKLLFAPNLLLDRNQGKSVEGMVEIFDMLLATSSRFRMMNLQGEEFVCLKSIILLNSGVYTFLS
STLKSLEEKDHIHRVLDKITDTLIHLMAKAGLTLQQQHQRLAQLLLILSHIRHMSNKGMEHLYSMKSKNVVPLYDLLLEM
LDAH
;
A,B
2 'polypeptide(L)' K(DCY)ILCRLLQ E,F
#
# COMPACT_ATOMS: atom_id res chain seq x y z
N ASN A 1 -18.59 -22.16 10.55
CA ASN A 1 -17.39 -21.38 11.00
C ASN A 1 -17.77 -20.11 11.78
N SER A 2 -16.76 -19.25 11.98
CA SER A 2 -16.85 -17.98 12.70
C SER A 2 -18.24 -17.35 12.96
N LEU A 3 -18.41 -16.91 14.20
CA LEU A 3 -19.64 -16.26 14.66
C LEU A 3 -19.65 -14.85 14.07
N ALA A 4 -18.47 -14.36 13.71
CA ALA A 4 -18.31 -13.03 13.12
C ALA A 4 -19.04 -12.95 11.78
N LEU A 5 -19.16 -14.08 11.09
CA LEU A 5 -19.82 -14.11 9.80
C LEU A 5 -21.34 -14.07 9.88
N SER A 6 -21.88 -14.04 11.10
CA SER A 6 -23.32 -14.01 11.27
C SER A 6 -23.80 -12.77 11.99
N LEU A 7 -22.96 -11.73 11.98
CA LEU A 7 -23.30 -10.46 12.62
C LEU A 7 -23.98 -9.58 11.57
N THR A 8 -24.83 -8.67 12.01
CA THR A 8 -25.46 -7.76 11.07
C THR A 8 -24.54 -6.56 11.04
N ALA A 9 -24.53 -5.84 9.94
CA ALA A 9 -23.68 -4.67 9.80
C ALA A 9 -23.64 -3.83 11.07
N ASP A 10 -24.80 -3.65 11.69
CA ASP A 10 -24.92 -2.85 12.91
C ASP A 10 -24.26 -3.54 14.11
N GLN A 11 -24.36 -4.86 14.17
CA GLN A 11 -23.72 -5.61 15.24
C GLN A 11 -22.21 -5.49 15.05
N MET A 12 -21.78 -5.67 13.82
CA MET A 12 -20.37 -5.58 13.47
C MET A 12 -19.80 -4.26 13.93
N VAL A 13 -20.44 -3.15 13.54
CA VAL A 13 -19.98 -1.82 13.94
C VAL A 13 -19.93 -1.75 15.47
N SER A 14 -20.99 -2.23 16.11
CA SER A 14 -21.06 -2.24 17.57
C SER A 14 -19.88 -2.96 18.18
N ALA A 15 -19.58 -4.16 17.69
CA ALA A 15 -18.46 -4.92 18.20
C ALA A 15 -17.18 -4.07 18.11
N LEU A 16 -16.92 -3.53 16.92
CA LEU A 16 -15.74 -2.72 16.68
C LEU A 16 -15.64 -1.48 17.55
N LEU A 17 -16.74 -0.75 17.73
CA LEU A 17 -16.70 0.45 18.58
C LEU A 17 -16.41 0.03 20.03
N ASP A 18 -16.88 -1.16 20.38
CA ASP A 18 -16.69 -1.70 21.72
C ASP A 18 -15.22 -2.00 22.05
N ALA A 19 -14.53 -2.61 21.08
CA ALA A 19 -13.14 -3.02 21.20
C ALA A 19 -12.12 -1.91 21.18
N GLU A 20 -12.57 -0.68 20.90
CA GLU A 20 -11.66 0.46 20.86
C GLU A 20 -10.80 0.56 22.11
N PRO A 21 -9.47 0.74 21.91
CA PRO A 21 -8.51 0.86 23.03
C PRO A 21 -8.59 2.27 23.57
N PRO A 22 -8.04 2.48 24.76
CA PRO A 22 -8.05 3.81 25.39
C PRO A 22 -7.06 4.74 24.73
N ILE A 23 -7.29 6.04 24.82
CA ILE A 23 -6.38 7.02 24.22
C ILE A 23 -5.33 7.41 25.27
N LEU A 24 -4.15 6.80 25.22
CA LEU A 24 -3.11 7.08 26.20
C LEU A 24 -2.54 8.47 26.17
N TYR A 25 -2.04 8.90 27.33
CA TYR A 25 -1.41 10.20 27.48
C TYR A 25 0.07 9.92 27.49
N SER A 26 0.87 10.87 27.04
CA SER A 26 2.31 10.66 27.05
C SER A 26 2.72 10.73 28.52
N GLU A 27 3.64 9.86 28.94
CA GLU A 27 4.06 9.84 30.33
C GLU A 27 5.26 10.70 30.62
N TYR A 28 5.33 11.84 29.96
CA TYR A 28 6.41 12.82 30.13
C TYR A 28 5.89 13.99 29.35
N ASP A 29 6.35 15.18 29.68
CA ASP A 29 5.92 16.35 28.96
C ASP A 29 7.15 17.08 28.47
N PRO A 30 7.28 17.25 27.15
CA PRO A 30 8.46 17.94 26.62
C PRO A 30 8.62 19.29 27.32
N THR A 31 7.50 20.01 27.37
CA THR A 31 7.35 21.32 28.00
C THR A 31 6.24 22.11 27.28
N PRO A 33 12.42 22.40 23.67
CA PRO A 33 13.43 22.06 22.66
C PRO A 33 13.63 20.55 22.54
N PHE A 34 13.19 19.98 21.42
CA PHE A 34 13.34 18.55 21.21
C PHE A 34 14.77 18.20 20.85
N SER A 35 15.05 16.91 20.81
CA SER A 35 16.36 16.43 20.42
C SER A 35 16.13 15.06 19.76
N GLU A 36 17.01 14.62 18.88
CA GLU A 36 16.76 13.33 18.24
C GLU A 36 16.55 12.19 19.25
N ALA A 37 17.31 12.21 20.33
CA ALA A 37 17.19 11.16 21.32
C ALA A 37 15.99 11.30 22.25
N SER A 38 15.62 12.52 22.60
CA SER A 38 14.48 12.73 23.49
C SER A 38 13.17 12.52 22.74
N MET A 39 13.14 12.92 21.47
CA MET A 39 11.95 12.77 20.62
C MET A 39 11.66 11.28 20.40
N MET A 40 12.67 10.56 19.95
CA MET A 40 12.54 9.12 19.70
C MET A 40 12.18 8.36 20.97
N GLY A 41 12.57 8.88 22.13
CA GLY A 41 12.24 8.19 23.36
C GLY A 41 10.79 8.44 23.72
N LEU A 42 10.31 9.63 23.39
CA LEU A 42 8.94 10.02 23.66
C LEU A 42 7.95 9.24 22.80
N LEU A 43 8.15 9.31 21.49
CA LEU A 43 7.28 8.61 20.54
C LEU A 43 7.33 7.11 20.71
N THR A 44 8.54 6.61 20.94
CA THR A 44 8.77 5.19 21.09
C THR A 44 8.18 4.66 22.40
N ASN A 45 8.20 5.50 23.45
CA ASN A 45 7.65 5.11 24.74
C ASN A 45 6.14 4.94 24.58
N LEU A 46 5.52 5.91 23.91
CA LEU A 46 4.09 5.89 23.67
C LEU A 46 3.66 4.67 22.86
N ALA A 47 4.40 4.39 21.79
CA ALA A 47 4.10 3.26 20.92
C ALA A 47 4.17 1.93 21.70
N ASP A 48 5.22 1.75 22.49
CA ASP A 48 5.33 0.50 23.23
C ASP A 48 4.10 0.22 24.08
N ARG A 49 3.63 1.23 24.81
CA ARG A 49 2.46 1.04 25.65
C ARG A 49 1.24 0.68 24.81
N GLU A 50 1.02 1.48 23.77
CA GLU A 50 -0.10 1.29 22.86
C GLU A 50 -0.16 -0.12 22.28
N LEU A 51 0.99 -0.77 22.16
CA LEU A 51 1.01 -2.11 21.61
C LEU A 51 0.35 -3.12 22.54
N VAL A 52 0.41 -2.86 23.86
CA VAL A 52 -0.21 -3.77 24.81
C VAL A 52 -1.73 -3.66 24.66
N HIS A 53 -2.23 -2.43 24.66
CA HIS A 53 -3.65 -2.24 24.48
C HIS A 53 -4.07 -2.76 23.13
N MET A 54 -3.22 -2.58 22.12
CA MET A 54 -3.51 -3.04 20.78
C MET A 54 -3.79 -4.53 20.77
N ILE A 55 -2.93 -5.30 21.42
CA ILE A 55 -3.10 -6.74 21.48
C ILE A 55 -4.44 -7.09 22.08
N ASN A 56 -4.87 -6.32 23.09
CA ASN A 56 -6.16 -6.59 23.70
C ASN A 56 -7.25 -6.34 22.68
N TRP A 57 -7.13 -5.22 21.99
CA TRP A 57 -8.10 -4.82 20.96
C TRP A 57 -8.25 -5.87 19.84
N ALA A 58 -7.13 -6.38 19.35
CA ALA A 58 -7.15 -7.38 18.29
C ALA A 58 -8.00 -8.58 18.69
N LYS A 59 -7.88 -8.98 19.96
CA LYS A 59 -8.62 -10.11 20.50
C LYS A 59 -10.12 -9.88 20.49
N ARG A 60 -10.54 -8.65 20.30
CA ARG A 60 -11.95 -8.31 20.29
C ARG A 60 -12.53 -8.07 18.90
N VAL A 61 -11.67 -8.04 17.89
CA VAL A 61 -12.16 -7.84 16.54
C VAL A 61 -12.77 -9.17 16.06
N PRO A 62 -14.05 -9.15 15.69
CA PRO A 62 -14.72 -10.37 15.23
C PRO A 62 -13.87 -11.21 14.26
N GLY A 63 -13.83 -12.52 14.50
CA GLY A 63 -13.09 -13.40 13.62
C GLY A 63 -11.59 -13.52 13.87
N PHE A 64 -11.00 -12.57 14.61
CA PHE A 64 -9.57 -12.63 14.88
C PHE A 64 -9.20 -13.84 15.73
N VAL A 65 -9.81 -13.97 16.91
CA VAL A 65 -9.51 -15.09 17.79
C VAL A 65 -9.75 -16.46 17.17
N ASP A 66 -10.53 -16.53 16.10
CA ASP A 66 -10.78 -17.81 15.46
C ASP A 66 -9.57 -18.32 14.71
N LEU A 67 -8.54 -17.49 14.60
CA LEU A 67 -7.30 -17.87 13.92
C LEU A 67 -6.36 -18.53 14.91
N THR A 68 -5.36 -19.23 14.39
CA THR A 68 -4.38 -19.89 15.25
C THR A 68 -3.51 -18.84 15.95
N LEU A 69 -2.86 -19.25 17.03
CA LEU A 69 -1.99 -18.36 17.77
C LEU A 69 -0.88 -17.88 16.83
N HIS A 70 -0.44 -18.77 15.95
CA HIS A 70 0.60 -18.47 14.98
C HIS A 70 0.18 -17.43 13.95
N ASP A 71 -1.03 -17.56 13.42
CA ASP A 71 -1.54 -16.60 12.44
C ASP A 71 -1.81 -15.25 13.09
N GLN A 72 -2.29 -15.30 14.33
CA GLN A 72 -2.59 -14.10 15.08
C GLN A 72 -1.29 -13.34 15.26
N VAL A 73 -0.26 -14.03 15.72
CA VAL A 73 1.06 -13.43 15.90
C VAL A 73 1.54 -12.79 14.61
N HIS A 74 1.46 -13.55 13.52
CA HIS A 74 1.88 -13.07 12.20
C HIS A 74 1.09 -11.83 11.72
N LEU A 75 -0.22 -11.80 11.95
CA LEU A 75 -1.01 -10.64 11.56
C LEU A 75 -0.60 -9.35 12.28
N LEU A 76 -0.39 -9.42 13.59
CA LEU A 76 0.00 -8.24 14.36
C LEU A 76 1.41 -7.76 14.10
N GLU A 77 2.33 -8.69 13.85
CA GLU A 77 3.72 -8.34 13.59
C GLU A 77 3.74 -7.56 12.30
N SER A 78 2.86 -7.97 11.39
CA SER A 78 2.79 -7.36 10.08
C SER A 78 2.03 -6.04 10.00
N ALA A 79 1.12 -5.79 10.93
CA ALA A 79 0.34 -4.55 10.86
C ALA A 79 0.42 -3.60 12.04
N TRP A 80 1.15 -3.95 13.09
CA TRP A 80 1.20 -3.06 14.26
C TRP A 80 1.44 -1.58 13.98
N LEU A 81 2.39 -1.26 13.10
CA LEU A 81 2.68 0.13 12.78
C LEU A 81 1.59 0.80 11.95
N GLU A 82 1.04 0.06 10.98
CA GLU A 82 -0.05 0.58 10.17
C GLU A 82 -1.18 0.93 11.14
N ILE A 83 -1.43 0.05 12.10
CA ILE A 83 -2.48 0.31 13.08
C ILE A 83 -2.15 1.52 13.98
N LEU A 84 -0.90 1.66 14.40
CA LEU A 84 -0.55 2.81 15.22
C LEU A 84 -0.70 4.07 14.38
N MET A 85 -0.29 4.00 13.12
CA MET A 85 -0.38 5.15 12.23
C MET A 85 -1.82 5.61 11.93
N ILE A 86 -2.71 4.68 11.56
CA ILE A 86 -4.08 5.06 11.23
C ILE A 86 -4.76 5.65 12.48
N GLY A 87 -4.39 5.12 13.64
CA GLY A 87 -4.95 5.61 14.89
C GLY A 87 -4.49 7.04 15.04
N LEU A 88 -3.22 7.27 14.70
CA LEU A 88 -2.65 8.61 14.78
C LEU A 88 -3.38 9.55 13.84
N VAL A 89 -3.36 9.27 12.54
CA VAL A 89 -4.04 10.14 11.58
C VAL A 89 -5.48 10.42 11.97
N TRP A 90 -6.17 9.41 12.49
CA TRP A 90 -7.57 9.54 12.88
C TRP A 90 -7.82 10.58 13.98
N ARG A 91 -7.01 10.56 15.04
CA ARG A 91 -7.22 11.52 16.10
C ARG A 91 -6.54 12.84 15.79
N SER A 92 -5.82 12.90 14.67
CA SER A 92 -5.16 14.13 14.26
C SER A 92 -6.03 14.86 13.23
N MET A 93 -7.16 14.26 12.89
CA MET A 93 -8.08 14.83 11.90
C MET A 93 -8.48 16.29 12.18
N GLU A 94 -8.87 16.58 13.41
CA GLU A 94 -9.27 17.91 13.77
C GLU A 94 -8.11 18.78 14.25
N HIS A 95 -6.94 18.62 13.65
CA HIS A 95 -5.80 19.42 14.08
C HIS A 95 -4.92 19.74 12.90
N PRO A 96 -5.48 20.44 11.91
CA PRO A 96 -4.78 20.83 10.69
C PRO A 96 -3.29 21.15 10.89
N GLY A 97 -2.46 20.45 10.12
CA GLY A 97 -1.02 20.64 10.18
C GLY A 97 -0.36 20.15 11.45
N LYS A 98 -1.07 19.39 12.26
CA LYS A 98 -0.53 18.87 13.51
C LYS A 98 -0.80 17.38 13.73
N LEU A 99 0.07 16.72 14.48
CA LEU A 99 -0.10 15.30 14.78
C LEU A 99 -0.33 15.15 16.28
N LEU A 100 -1.53 14.67 16.63
CA LEU A 100 -1.91 14.50 18.00
C LEU A 100 -1.56 13.13 18.51
N PHE A 101 -0.26 12.92 18.72
CA PHE A 101 0.22 11.65 19.22
C PHE A 101 -0.50 11.30 20.52
N ALA A 102 -0.76 12.30 21.33
CA ALA A 102 -1.44 12.08 22.59
C ALA A 102 -2.17 13.36 22.92
N PRO A 103 -3.18 13.31 23.80
CA PRO A 103 -3.91 14.53 24.15
C PRO A 103 -2.95 15.58 24.68
N ASN A 104 -1.85 15.11 25.26
CA ASN A 104 -0.83 15.98 25.86
C ASN A 104 0.48 15.96 25.09
N LEU A 105 0.42 15.80 23.78
CA LEU A 105 1.62 15.76 22.96
C LEU A 105 1.25 15.97 21.50
N LEU A 106 0.92 17.21 21.16
CA LEU A 106 0.53 17.59 19.82
C LEU A 106 1.70 18.26 19.14
N LEU A 107 2.32 17.56 18.19
CA LEU A 107 3.48 18.11 17.50
C LEU A 107 3.08 18.54 16.10
N ASP A 108 3.92 19.32 15.46
CA ASP A 108 3.64 19.76 14.10
C ASP A 108 4.86 19.50 13.23
N ARG A 109 4.66 19.60 11.92
CA ARG A 109 5.72 19.34 10.95
C ARG A 109 7.13 19.66 11.41
N ASN A 110 7.35 20.91 11.82
CA ASN A 110 8.67 21.36 12.23
C ASN A 110 9.34 20.55 13.32
N GLN A 111 8.62 20.31 14.42
CA GLN A 111 9.17 19.53 15.52
C GLN A 111 9.60 18.16 15.00
N GLY A 112 9.16 17.84 13.79
CA GLY A 112 9.51 16.58 13.17
C GLY A 112 10.93 16.66 12.65
N LYS A 113 11.37 17.89 12.41
CA LYS A 113 12.74 18.12 11.93
C LYS A 113 13.74 17.76 13.03
N SER A 114 13.23 17.67 14.25
CA SER A 114 14.03 17.33 15.41
C SER A 114 14.76 15.99 15.20
N VAL A 115 14.16 15.10 14.39
CA VAL A 115 14.75 13.80 14.13
C VAL A 115 15.06 13.56 12.65
N GLU A 116 16.21 12.94 12.40
CA GLU A 116 16.66 12.66 11.04
C GLU A 116 15.71 11.79 10.23
N GLY A 117 15.43 12.22 9.00
CA GLY A 117 14.53 11.50 8.13
C GLY A 117 13.13 11.37 8.68
N MET A 118 12.80 12.16 9.68
CA MET A 118 11.50 12.11 10.32
C MET A 118 10.40 12.95 9.65
N VAL A 119 10.78 14.16 9.22
CA VAL A 119 9.84 15.10 8.61
C VAL A 119 9.08 14.54 7.42
N GLU A 120 9.74 13.75 6.60
CA GLU A 120 9.09 13.17 5.44
C GLU A 120 7.91 12.32 5.89
N ILE A 121 8.14 11.49 6.90
CA ILE A 121 7.10 10.63 7.44
C ILE A 121 6.02 11.49 8.07
N PHE A 122 6.40 12.57 8.74
CA PHE A 122 5.41 13.44 9.34
C PHE A 122 4.52 14.00 8.23
N ASP A 123 5.15 14.47 7.15
CA ASP A 123 4.40 15.01 6.03
C ASP A 123 3.42 14.01 5.46
N MET A 124 3.85 12.76 5.27
CA MET A 124 2.95 11.73 4.73
C MET A 124 1.76 11.52 5.69
N LEU A 125 2.04 11.38 6.97
CA LEU A 125 0.98 11.18 7.95
C LEU A 125 -0.01 12.33 7.81
N LEU A 126 0.49 13.56 7.89
CA LEU A 126 -0.35 14.76 7.78
C LEU A 126 -1.20 14.75 6.50
N ALA A 127 -0.62 14.29 5.40
CA ALA A 127 -1.36 14.24 4.14
C ALA A 127 -2.54 13.30 4.31
N THR A 128 -2.32 12.18 4.98
CA THR A 128 -3.37 11.20 5.19
C THR A 128 -4.46 11.82 6.05
N SER A 129 -4.04 12.49 7.11
CA SER A 129 -4.99 13.14 8.01
C SER A 129 -5.81 14.21 7.28
N SER A 130 -5.17 14.98 6.38
CA SER A 130 -5.90 15.99 5.61
C SER A 130 -6.91 15.31 4.71
N ARG A 131 -6.48 14.22 4.08
CA ARG A 131 -7.35 13.47 3.20
C ARG A 131 -8.61 12.98 3.94
N PHE A 132 -8.43 12.36 5.11
CA PHE A 132 -9.55 11.88 5.93
C PHE A 132 -10.48 13.05 6.30
N ARG A 133 -9.87 14.17 6.68
CA ARG A 133 -10.62 15.36 7.05
C ARG A 133 -11.49 15.73 5.86
N MET A 134 -10.83 15.91 4.72
CA MET A 134 -11.47 16.26 3.45
C MET A 134 -12.65 15.34 3.13
N MET A 135 -12.45 14.03 3.33
CA MET A 135 -13.48 13.02 3.06
C MET A 135 -14.53 12.90 4.17
N ASN A 136 -14.30 13.60 5.27
CA ASN A 136 -15.23 13.55 6.39
C ASN A 136 -15.43 12.10 6.84
N LEU A 137 -14.32 11.43 7.11
CA LEU A 137 -14.35 10.06 7.58
C LEU A 137 -15.12 9.97 8.90
N GLN A 138 -15.95 8.94 9.03
CA GLN A 138 -16.75 8.75 10.24
C GLN A 138 -16.09 7.75 11.16
N GLY A 139 -16.41 7.85 12.45
CA GLY A 139 -15.85 6.91 13.41
C GLY A 139 -16.20 5.48 13.05
N GLU A 140 -17.46 5.24 12.68
CA GLU A 140 -17.88 3.89 12.31
C GLU A 140 -17.05 3.40 11.12
N GLU A 141 -16.72 4.30 10.20
CA GLU A 141 -15.91 3.91 9.06
C GLU A 141 -14.47 3.64 9.49
N PHE A 142 -13.98 4.45 10.42
CA PHE A 142 -12.63 4.33 10.89
C PHE A 142 -12.34 2.98 11.53
N VAL A 143 -13.23 2.49 12.39
CA VAL A 143 -12.97 1.20 13.02
C VAL A 143 -13.08 0.02 12.05
N CYS A 144 -13.80 0.23 10.94
CA CYS A 144 -13.91 -0.82 9.91
C CYS A 144 -12.56 -0.80 9.17
N LEU A 145 -12.01 0.39 8.94
CA LEU A 145 -10.73 0.47 8.25
C LEU A 145 -9.58 -0.18 9.04
N LYS A 146 -9.52 0.10 10.34
CA LYS A 146 -8.46 -0.45 11.18
C LYS A 146 -8.51 -1.98 11.20
N SER A 147 -9.71 -2.54 11.13
CA SER A 147 -9.89 -4.00 11.14
C SER A 147 -9.50 -4.63 9.83
N ILE A 148 -9.75 -3.92 8.73
CA ILE A 148 -9.38 -4.43 7.42
C ILE A 148 -7.86 -4.48 7.38
N ILE A 149 -7.21 -3.50 8.00
CA ILE A 149 -5.75 -3.45 8.04
C ILE A 149 -5.20 -4.65 8.82
N LEU A 150 -5.68 -4.85 10.04
CA LEU A 150 -5.21 -5.97 10.84
C LEU A 150 -5.30 -7.30 10.08
N LEU A 151 -6.47 -7.56 9.48
CA LEU A 151 -6.72 -8.81 8.78
C LEU A 151 -6.11 -8.94 7.40
N ASN A 152 -6.02 -7.83 6.68
CA ASN A 152 -5.51 -7.87 5.32
C ASN A 152 -4.01 -7.73 5.13
N SER A 153 -3.32 -7.12 6.08
CA SER A 153 -1.90 -6.89 5.92
C SER A 153 -0.99 -8.09 5.69
N GLY A 154 -1.06 -9.09 6.55
CA GLY A 154 -0.18 -10.21 6.37
C GLY A 154 -0.73 -11.48 5.73
N VAL A 155 -1.96 -11.42 5.20
CA VAL A 155 -2.58 -12.63 4.63
C VAL A 155 -1.93 -13.28 3.40
N TYR A 156 -1.20 -12.50 2.61
CA TYR A 156 -0.55 -13.05 1.44
C TYR A 156 0.92 -13.28 1.76
N THR A 157 1.35 -12.81 2.94
CA THR A 157 2.72 -12.99 3.41
C THR A 157 2.58 -14.21 4.31
N PHE A 158 1.46 -14.91 4.11
CA PHE A 158 1.12 -16.12 4.87
C PHE A 158 1.76 -17.40 4.30
N LEU A 159 2.00 -17.42 2.99
CA LEU A 159 2.56 -18.58 2.29
C LEU A 159 1.51 -19.70 2.13
N HIS A 171 -11.18 -17.95 5.71
CA HIS A 171 -11.81 -17.36 6.90
C HIS A 171 -11.59 -15.86 6.93
N ILE A 172 -10.33 -15.46 6.84
CA ILE A 172 -9.94 -14.05 6.83
C ILE A 172 -10.70 -13.31 5.73
N HIS A 173 -10.69 -13.88 4.52
CA HIS A 173 -11.38 -13.28 3.39
C HIS A 173 -12.87 -13.15 3.63
N ARG A 174 -13.46 -14.13 4.30
CA ARG A 174 -14.88 -14.07 4.59
C ARG A 174 -15.15 -12.90 5.50
N VAL A 175 -14.29 -12.73 6.51
CA VAL A 175 -14.46 -11.63 7.44
C VAL A 175 -14.21 -10.30 6.74
N LEU A 176 -13.26 -10.28 5.80
CA LEU A 176 -12.96 -9.04 5.07
C LEU A 176 -14.19 -8.63 4.24
N ASP A 177 -14.82 -9.62 3.62
CA ASP A 177 -16.01 -9.36 2.82
C ASP A 177 -17.10 -8.78 3.70
N LYS A 178 -17.25 -9.36 4.89
CA LYS A 178 -18.27 -8.92 5.83
C LYS A 178 -18.04 -7.45 6.14
N ILE A 179 -16.79 -7.11 6.41
CA ILE A 179 -16.46 -5.73 6.74
C ILE A 179 -16.74 -4.81 5.57
N THR A 180 -16.51 -5.28 4.36
CA THR A 180 -16.81 -4.43 3.21
C THR A 180 -18.32 -4.18 3.22
N ASP A 181 -19.09 -5.24 3.50
CA ASP A 181 -20.54 -5.16 3.56
C ASP A 181 -20.97 -4.06 4.53
N THR A 182 -20.33 -4.08 5.69
CA THR A 182 -20.62 -3.11 6.73
C THR A 182 -20.36 -1.69 6.29
N LEU A 183 -19.23 -1.47 5.61
CA LEU A 183 -18.86 -0.14 5.13
C LEU A 183 -19.91 0.36 4.14
N ILE A 184 -20.39 -0.53 3.28
CA ILE A 184 -21.38 -0.12 2.31
C ILE A 184 -22.68 0.24 3.02
N HIS A 185 -23.01 -0.53 4.05
CA HIS A 185 -24.21 -0.30 4.82
C HIS A 185 -24.17 1.07 5.48
N LEU A 186 -23.03 1.40 6.08
CA LEU A 186 -22.88 2.70 6.71
C LEU A 186 -23.08 3.80 5.68
N MET A 187 -22.47 3.61 4.51
CA MET A 187 -22.56 4.57 3.42
C MET A 187 -23.96 4.70 2.86
N ALA A 188 -24.66 3.59 2.73
CA ALA A 188 -26.02 3.59 2.23
C ALA A 188 -26.91 4.35 3.22
N LYS A 189 -26.86 3.95 4.49
CA LYS A 189 -27.66 4.59 5.53
C LYS A 189 -27.40 6.08 5.65
N ALA A 190 -26.19 6.51 5.27
CA ALA A 190 -25.84 7.93 5.30
C ALA A 190 -26.47 8.67 4.13
N GLY A 191 -27.03 7.94 3.17
CA GLY A 191 -27.67 8.59 2.05
C GLY A 191 -26.91 8.71 0.75
N LEU A 192 -25.75 8.07 0.63
CA LEU A 192 -24.99 8.15 -0.62
C LEU A 192 -25.64 7.26 -1.68
N THR A 193 -25.50 7.67 -2.94
CA THR A 193 -26.05 6.90 -4.04
C THR A 193 -25.21 5.64 -4.24
N LEU A 194 -25.68 4.70 -5.04
CA LEU A 194 -24.92 3.47 -5.30
C LEU A 194 -23.53 3.82 -5.85
N GLN A 195 -23.48 4.83 -6.72
CA GLN A 195 -22.21 5.26 -7.31
C GLN A 195 -21.30 5.89 -6.26
N GLN A 196 -21.84 6.80 -5.45
CA GLN A 196 -21.06 7.45 -4.40
C GLN A 196 -20.56 6.43 -3.38
N GLN A 197 -21.29 5.34 -3.22
CA GLN A 197 -20.90 4.29 -2.28
C GLN A 197 -19.62 3.60 -2.77
N HIS A 198 -19.65 3.13 -4.02
CA HIS A 198 -18.51 2.43 -4.61
C HIS A 198 -17.28 3.32 -4.67
N GLN A 199 -17.48 4.57 -5.08
CA GLN A 199 -16.36 5.50 -5.20
C GLN A 199 -15.67 5.72 -3.87
N ARG A 200 -16.45 5.97 -2.83
CA ARG A 200 -15.90 6.21 -1.52
C ARG A 200 -15.24 4.94 -1.00
N LEU A 201 -15.91 3.80 -1.19
CA LEU A 201 -15.31 2.56 -0.72
C LEU A 201 -13.93 2.43 -1.35
N ALA A 202 -13.83 2.79 -2.63
CA ALA A 202 -12.55 2.68 -3.30
C ALA A 202 -11.55 3.70 -2.78
N GLN A 203 -12.01 4.92 -2.55
CA GLN A 203 -11.15 5.98 -2.06
C GLN A 203 -10.56 5.61 -0.68
N LEU A 204 -11.37 4.99 0.19
CA LEU A 204 -10.88 4.62 1.50
C LEU A 204 -9.90 3.46 1.39
N LEU A 205 -10.26 2.43 0.63
CA LEU A 205 -9.35 1.32 0.49
C LEU A 205 -8.02 1.77 -0.11
N LEU A 206 -8.06 2.67 -1.10
CA LEU A 206 -6.82 3.14 -1.71
C LEU A 206 -5.89 3.80 -0.70
N ILE A 207 -6.46 4.58 0.22
CA ILE A 207 -5.65 5.25 1.23
C ILE A 207 -4.90 4.21 2.05
N LEU A 208 -5.44 3.00 2.11
CA LEU A 208 -4.80 1.94 2.87
C LEU A 208 -3.43 1.57 2.33
N SER A 209 -3.30 1.48 1.01
CA SER A 209 -1.99 1.11 0.46
C SER A 209 -0.97 2.23 0.76
N HIS A 210 -1.46 3.45 0.98
CA HIS A 210 -0.53 4.52 1.33
C HIS A 210 -0.08 4.34 2.79
N ILE A 211 -1.01 3.94 3.66
CA ILE A 211 -0.67 3.70 5.06
C ILE A 211 0.31 2.54 5.15
N ARG A 212 0.20 1.59 4.21
CA ARG A 212 1.10 0.44 4.16
C ARG A 212 2.49 0.98 3.86
N HIS A 213 2.54 1.87 2.88
CA HIS A 213 3.77 2.50 2.46
C HIS A 213 4.42 3.30 3.61
N MET A 214 3.62 4.06 4.35
CA MET A 214 4.17 4.84 5.45
C MET A 214 4.72 3.88 6.49
N SER A 215 4.05 2.74 6.63
CA SER A 215 4.49 1.74 7.60
C SER A 215 5.86 1.19 7.25
N ASN A 216 6.09 0.96 5.96
CA ASN A 216 7.36 0.43 5.50
C ASN A 216 8.50 1.43 5.74
N LYS A 217 8.26 2.70 5.40
CA LYS A 217 9.28 3.71 5.60
C LYS A 217 9.53 3.82 7.11
N GLY A 218 8.44 3.79 7.87
CA GLY A 218 8.52 3.88 9.32
C GLY A 218 9.40 2.81 9.91
N MET A 219 9.24 1.58 9.43
CA MET A 219 10.04 0.46 9.92
C MET A 219 11.52 0.74 9.67
N GLU A 220 11.82 1.17 8.46
CA GLU A 220 13.19 1.47 8.11
C GLU A 220 13.76 2.56 9.02
N HIS A 221 12.92 3.56 9.32
CA HIS A 221 13.34 4.66 10.16
C HIS A 221 13.61 4.19 11.56
N LEU A 222 12.66 3.46 12.11
CA LEU A 222 12.78 2.95 13.46
C LEU A 222 14.01 2.06 13.59
N TYR A 223 14.22 1.20 12.60
CA TYR A 223 15.36 0.31 12.62
C TYR A 223 16.68 1.07 12.57
N SER A 224 16.74 2.16 11.82
CA SER A 224 17.99 2.91 11.72
C SER A 224 18.22 3.62 13.04
N MET A 225 17.17 4.19 13.62
CA MET A 225 17.29 4.90 14.89
C MET A 225 17.85 3.97 15.96
N LYS A 226 17.54 2.68 15.85
CA LYS A 226 18.04 1.70 16.80
C LYS A 226 19.57 1.59 16.64
N SER A 227 20.02 1.41 15.40
CA SER A 227 21.44 1.31 15.09
C SER A 227 22.20 2.49 15.69
N LYS A 228 21.65 3.68 15.51
CA LYS A 228 22.25 4.91 16.03
C LYS A 228 22.20 4.97 17.55
N ASN A 229 21.65 3.94 18.18
CA ASN A 229 21.57 3.90 19.64
C ASN A 229 20.92 5.17 20.19
N VAL A 230 19.73 5.47 19.71
CA VAL A 230 19.02 6.65 20.16
C VAL A 230 17.71 6.21 20.80
N VAL A 231 17.32 4.98 20.48
CA VAL A 231 16.08 4.43 21.00
C VAL A 231 16.27 3.44 22.13
N PRO A 232 15.49 3.61 23.21
CA PRO A 232 15.54 2.72 24.36
C PRO A 232 14.99 1.37 23.94
N LEU A 233 15.77 0.32 24.18
CA LEU A 233 15.37 -1.03 23.79
C LEU A 233 14.17 -1.57 24.57
N TYR A 234 12.96 -1.22 24.14
CA TYR A 234 11.74 -1.74 24.76
C TYR A 234 11.53 -3.16 24.25
N ASP A 235 11.30 -4.09 25.17
CA ASP A 235 11.11 -5.49 24.79
C ASP A 235 10.07 -5.77 23.69
N LEU A 236 8.81 -5.43 23.95
CA LEU A 236 7.77 -5.69 22.98
C LEU A 236 7.95 -4.89 21.69
N LEU A 237 8.32 -3.61 21.80
CA LEU A 237 8.51 -2.81 20.61
C LEU A 237 9.54 -3.44 19.67
N LEU A 238 10.67 -3.86 20.22
CA LEU A 238 11.71 -4.47 19.43
C LEU A 238 11.30 -5.78 18.79
N GLU A 239 10.59 -6.62 19.52
CA GLU A 239 10.16 -7.89 18.97
C GLU A 239 9.34 -7.63 17.72
N MET A 240 8.43 -6.68 17.82
CA MET A 240 7.56 -6.30 16.70
C MET A 240 8.44 -5.73 15.59
N LEU A 241 9.45 -4.97 15.97
CA LEU A 241 10.35 -4.36 15.00
C LEU A 241 11.13 -5.43 14.23
N ASP A 242 11.66 -6.41 14.96
CA ASP A 242 12.44 -7.48 14.35
C ASP A 242 11.60 -8.44 13.52
N ALA A 243 10.35 -8.63 13.92
CA ALA A 243 9.45 -9.54 13.21
C ALA A 243 9.68 -9.50 11.70
N HIS A 244 9.77 -8.29 11.16
CA HIS A 244 9.98 -8.09 9.74
C HIS A 244 11.38 -8.48 9.27
N ASN B 1 -12.56 21.17 -17.44
CA ASN B 1 -11.30 20.38 -17.19
C ASN B 1 -11.26 19.08 -17.98
N SER B 2 -10.23 18.29 -17.70
CA SER B 2 -9.92 17.01 -18.36
C SER B 2 -11.01 16.28 -19.13
N LEU B 3 -10.59 15.85 -20.30
CA LEU B 3 -11.42 15.13 -21.22
C LEU B 3 -11.61 13.70 -20.69
N ALA B 4 -10.70 13.27 -19.81
CA ALA B 4 -10.77 11.92 -19.23
C ALA B 4 -12.04 11.77 -18.43
N LEU B 5 -12.52 12.86 -17.85
CA LEU B 5 -13.73 12.83 -17.04
C LEU B 5 -15.04 12.74 -17.80
N SER B 6 -14.99 12.72 -19.13
CA SER B 6 -16.21 12.62 -19.91
C SER B 6 -16.26 11.35 -20.77
N LEU B 7 -15.44 10.37 -20.42
CA LEU B 7 -15.41 9.10 -21.14
C LEU B 7 -16.46 8.17 -20.54
N THR B 8 -16.97 7.25 -21.33
CA THR B 8 -17.93 6.27 -20.82
C THR B 8 -17.10 5.07 -20.38
N ALA B 9 -17.60 4.29 -19.43
CA ALA B 9 -16.85 3.14 -18.96
C ALA B 9 -16.19 2.38 -20.12
N ASP B 10 -16.93 2.22 -21.21
CA ASP B 10 -16.44 1.49 -22.38
C ASP B 10 -15.33 2.25 -23.13
N GLN B 11 -15.43 3.58 -23.19
CA GLN B 11 -14.37 4.37 -23.83
C GLN B 11 -13.13 4.27 -22.95
N MET B 12 -13.34 4.33 -21.64
CA MET B 12 -12.27 4.24 -20.68
C MET B 12 -11.51 2.93 -20.86
N VAL B 13 -12.24 1.82 -20.90
CA VAL B 13 -11.61 0.52 -21.08
C VAL B 13 -10.83 0.52 -22.38
N SER B 14 -11.46 1.05 -23.42
CA SER B 14 -10.85 1.13 -24.75
C SER B 14 -9.54 1.87 -24.70
N ALA B 15 -9.55 3.02 -24.04
CA ALA B 15 -8.36 3.84 -23.93
C ALA B 15 -7.20 3.05 -23.32
N LEU B 16 -7.47 2.41 -22.18
CA LEU B 16 -6.45 1.65 -21.49
C LEU B 16 -5.97 0.42 -22.25
N LEU B 17 -6.88 -0.32 -22.87
CA LEU B 17 -6.47 -1.49 -23.64
C LEU B 17 -5.57 -1.04 -24.80
N ASP B 18 -5.86 0.15 -25.30
CA ASP B 18 -5.12 0.74 -26.42
C ASP B 18 -3.71 1.17 -26.02
N ALA B 19 -3.59 1.71 -24.80
CA ALA B 19 -2.33 2.20 -24.25
C ALA B 19 -1.33 1.09 -23.92
N GLU B 20 -1.81 -0.14 -23.75
CA GLU B 20 -0.93 -1.23 -23.39
C GLU B 20 0.40 -1.25 -24.11
N PRO B 21 1.50 -1.40 -23.35
CA PRO B 21 2.86 -1.44 -23.91
C PRO B 21 3.16 -2.81 -24.52
N PRO B 22 4.13 -2.88 -25.43
CA PRO B 22 4.50 -4.16 -26.07
C PRO B 22 5.14 -5.13 -25.10
N ILE B 23 5.00 -6.43 -25.35
CA ILE B 23 5.62 -7.39 -24.45
C ILE B 23 7.03 -7.70 -24.94
N LEU B 24 8.03 -7.14 -24.25
CA LEU B 24 9.42 -7.36 -24.61
C LEU B 24 9.95 -8.77 -24.34
N TYR B 25 10.98 -9.13 -25.10
CA TYR B 25 11.67 -10.42 -24.99
C TYR B 25 13.01 -10.13 -24.33
N SER B 26 13.51 -11.02 -23.48
CA SER B 26 14.79 -10.78 -22.84
C SER B 26 15.86 -10.86 -23.92
N GLU B 27 16.88 -9.99 -23.85
CA GLU B 27 17.94 -9.99 -24.84
C GLU B 27 19.22 -10.53 -24.20
N TYR B 28 19.22 -11.77 -23.74
CA TYR B 28 20.41 -12.29 -23.08
C TYR B 28 21.05 -13.50 -23.77
N ASP B 29 21.93 -14.15 -23.01
CA ASP B 29 22.65 -15.34 -23.46
C ASP B 29 22.38 -16.49 -22.50
N PRO B 30 21.57 -17.46 -22.93
CA PRO B 30 21.21 -18.63 -22.11
C PRO B 30 22.43 -19.46 -21.66
N THR B 31 23.52 -19.41 -22.42
CA THR B 31 24.73 -20.17 -22.07
C THR B 31 25.70 -19.44 -21.15
N ARG B 32 25.16 -18.80 -20.12
CA ARG B 32 25.97 -18.11 -19.13
C ARG B 32 25.49 -18.58 -17.76
N PRO B 33 26.43 -18.96 -16.87
CA PRO B 33 26.16 -19.46 -15.52
C PRO B 33 25.21 -18.64 -14.68
N PHE B 34 24.24 -19.32 -14.09
CA PHE B 34 23.31 -18.66 -13.21
C PHE B 34 24.09 -18.17 -11.99
N SER B 35 24.15 -16.87 -11.80
CA SER B 35 24.87 -16.32 -10.64
C SER B 35 24.21 -15.03 -10.15
N GLU B 36 24.47 -14.63 -8.91
CA GLU B 36 23.87 -13.39 -8.42
C GLU B 36 24.06 -12.23 -9.41
N ALA B 37 25.27 -12.10 -9.97
CA ALA B 37 25.56 -11.02 -10.90
C ALA B 37 24.94 -11.18 -12.29
N SER B 38 24.80 -12.41 -12.78
CA SER B 38 24.20 -12.59 -14.11
C SER B 38 22.68 -12.37 -14.03
N MET B 39 22.06 -12.96 -13.01
CA MET B 39 20.63 -12.84 -12.79
C MET B 39 20.23 -11.36 -12.67
N MET B 40 20.87 -10.66 -11.75
CA MET B 40 20.59 -9.24 -11.55
C MET B 40 20.75 -8.44 -12.84
N GLY B 41 21.70 -8.86 -13.67
CA GLY B 41 21.90 -8.17 -14.93
C GLY B 41 20.75 -8.47 -15.88
N LEU B 42 20.22 -9.70 -15.80
CA LEU B 42 19.12 -10.12 -16.66
C LEU B 42 17.83 -9.38 -16.33
N LEU B 43 17.43 -9.45 -15.06
CA LEU B 43 16.20 -8.80 -14.62
C LEU B 43 16.31 -7.29 -14.75
N THR B 44 17.48 -6.77 -14.39
CA THR B 44 17.71 -5.35 -14.43
C THR B 44 17.78 -4.78 -15.85
N ASN B 45 18.24 -5.59 -16.80
CA ASN B 45 18.32 -5.12 -18.19
C ASN B 45 16.91 -5.00 -18.73
N LEU B 46 16.10 -6.03 -18.47
CA LEU B 46 14.70 -6.07 -18.90
C LEU B 46 13.94 -4.87 -18.33
N ALA B 47 14.03 -4.69 -17.02
CA ALA B 47 13.36 -3.60 -16.33
C ALA B 47 13.70 -2.25 -16.96
N ASP B 48 14.98 -2.00 -17.21
CA ASP B 48 15.35 -0.73 -17.80
C ASP B 48 14.64 -0.47 -19.10
N ARG B 49 14.57 -1.49 -19.95
CA ARG B 49 13.90 -1.30 -21.22
C ARG B 49 12.43 -1.02 -21.04
N GLU B 50 11.78 -1.83 -20.20
CA GLU B 50 10.37 -1.67 -19.93
C GLU B 50 9.99 -0.28 -19.42
N LEU B 51 10.93 0.39 -18.76
CA LEU B 51 10.66 1.73 -18.25
C LEU B 51 10.49 2.76 -19.36
N VAL B 52 11.18 2.56 -20.48
CA VAL B 52 11.03 3.48 -21.60
C VAL B 52 9.60 3.35 -22.14
N HIS B 53 9.18 2.10 -22.38
CA HIS B 53 7.84 1.84 -22.88
C HIS B 53 6.80 2.27 -21.84
N MET B 54 7.14 2.08 -20.57
CA MET B 54 6.23 2.46 -19.49
C MET B 54 5.88 3.94 -19.56
N ILE B 55 6.91 4.76 -19.77
CA ILE B 55 6.71 6.21 -19.87
C ILE B 55 5.80 6.53 -21.04
N ASN B 56 5.84 5.72 -22.09
CA ASN B 56 4.97 6.00 -23.22
C ASN B 56 3.56 5.62 -22.87
N TRP B 57 3.42 4.51 -22.17
CA TRP B 57 2.11 4.06 -21.77
C TRP B 57 1.43 5.08 -20.87
N ALA B 58 2.16 5.60 -19.89
CA ALA B 58 1.60 6.58 -18.96
C ALA B 58 0.99 7.77 -19.69
N LYS B 59 1.67 8.27 -20.71
CA LYS B 59 1.16 9.42 -21.46
C LYS B 59 -0.21 9.15 -22.07
N ARG B 60 -0.53 7.87 -22.28
CA ARG B 60 -1.81 7.48 -22.87
C ARG B 60 -2.94 7.18 -21.87
N VAL B 61 -2.61 7.09 -20.58
CA VAL B 61 -3.65 6.86 -19.58
C VAL B 61 -4.43 8.17 -19.43
N PRO B 62 -5.74 8.11 -19.64
CA PRO B 62 -6.57 9.31 -19.52
C PRO B 62 -6.29 10.09 -18.25
N GLY B 63 -6.18 11.41 -18.38
CA GLY B 63 -5.93 12.24 -17.23
C GLY B 63 -4.47 12.43 -16.91
N PHE B 64 -3.61 11.50 -17.33
CA PHE B 64 -2.20 11.65 -17.01
C PHE B 64 -1.54 12.91 -17.55
N VAL B 65 -1.56 13.11 -18.86
CA VAL B 65 -0.93 14.27 -19.49
C VAL B 65 -1.46 15.63 -19.03
N ASP B 66 -2.64 15.64 -18.41
CA ASP B 66 -3.22 16.88 -17.91
C ASP B 66 -2.42 17.38 -16.70
N LEU B 67 -1.58 16.52 -16.16
CA LEU B 67 -0.77 16.86 -15.00
C LEU B 67 0.46 17.65 -15.39
N THR B 68 1.05 18.37 -14.45
CA THR B 68 2.26 19.12 -14.74
C THR B 68 3.40 18.13 -14.95
N LEU B 69 4.46 18.58 -15.61
CA LEU B 69 5.61 17.72 -15.85
C LEU B 69 6.15 17.19 -14.52
N HIS B 70 6.24 18.07 -13.55
CA HIS B 70 6.75 17.73 -12.23
C HIS B 70 5.89 16.65 -11.56
N ASP B 71 4.57 16.78 -11.63
CA ASP B 71 3.69 15.79 -11.04
C ASP B 71 3.79 14.46 -11.80
N GLN B 72 3.93 14.54 -13.11
CA GLN B 72 4.06 13.33 -13.92
C GLN B 72 5.32 12.56 -13.50
N VAL B 73 6.41 13.29 -13.31
CA VAL B 73 7.67 12.70 -12.89
C VAL B 73 7.45 12.05 -11.51
N HIS B 74 6.81 12.76 -10.60
CA HIS B 74 6.60 12.22 -9.27
C HIS B 74 5.83 10.92 -9.35
N LEU B 75 4.66 10.96 -9.98
CA LEU B 75 3.88 9.76 -10.05
C LEU B 75 4.70 8.55 -10.52
N LEU B 76 5.41 8.70 -11.64
CA LEU B 76 6.19 7.58 -12.16
C LEU B 76 7.35 7.16 -11.27
N GLU B 77 7.99 8.10 -10.58
CA GLU B 77 9.10 7.72 -9.70
C GLU B 77 8.53 6.92 -8.53
N SER B 78 7.30 7.23 -8.20
CA SER B 78 6.65 6.59 -7.07
C SER B 78 5.92 5.30 -7.39
N ALA B 79 5.78 4.95 -8.66
CA ALA B 79 5.06 3.73 -9.01
C ALA B 79 5.70 2.81 -10.04
N TRP B 80 6.82 3.19 -10.63
CA TRP B 80 7.43 2.36 -11.65
C TRP B 80 7.62 0.88 -11.29
N LEU B 81 7.99 0.59 -10.04
CA LEU B 81 8.20 -0.81 -9.67
C LEU B 81 6.89 -1.55 -9.41
N GLU B 82 5.91 -0.87 -8.83
CA GLU B 82 4.63 -1.53 -8.60
C GLU B 82 4.07 -1.94 -9.96
N ILE B 83 4.26 -1.04 -10.93
CA ILE B 83 3.77 -1.25 -12.29
C ILE B 83 4.49 -2.41 -12.98
N LEU B 84 5.80 -2.50 -12.82
CA LEU B 84 6.57 -3.59 -13.42
C LEU B 84 6.11 -4.90 -12.77
N MET B 85 5.86 -4.83 -11.46
CA MET B 85 5.43 -5.99 -10.70
C MET B 85 4.02 -6.45 -11.04
N ILE B 86 3.05 -5.53 -11.08
CA ILE B 86 1.70 -5.98 -11.39
C ILE B 86 1.68 -6.54 -12.81
N GLY B 87 2.50 -5.96 -13.69
CA GLY B 87 2.60 -6.43 -15.07
C GLY B 87 3.14 -7.85 -15.05
N LEU B 88 4.15 -8.07 -14.20
CA LEU B 88 4.75 -9.38 -14.06
C LEU B 88 3.72 -10.40 -13.59
N VAL B 89 3.12 -10.17 -12.42
CA VAL B 89 2.10 -11.11 -11.89
C VAL B 89 1.00 -11.39 -12.90
N TRP B 90 0.64 -10.39 -13.69
CA TRP B 90 -0.41 -10.54 -14.68
C TRP B 90 -0.06 -11.56 -15.76
N ARG B 91 1.08 -11.40 -16.41
CA ARG B 91 1.43 -12.36 -17.45
C ARG B 91 1.99 -13.65 -16.88
N SER B 92 1.95 -13.80 -15.57
CA SER B 92 2.44 -15.02 -14.90
C SER B 92 1.25 -15.78 -14.36
N MET B 93 0.06 -15.24 -14.59
CA MET B 93 -1.16 -15.86 -14.13
C MET B 93 -1.28 -17.31 -14.61
N GLU B 94 -1.11 -17.52 -15.91
CA GLU B 94 -1.21 -18.86 -16.50
C GLU B 94 0.08 -19.64 -16.43
N HIS B 95 0.77 -19.56 -15.30
CA HIS B 95 2.04 -20.26 -15.17
C HIS B 95 2.32 -20.59 -13.72
N PRO B 96 1.41 -21.34 -13.09
CA PRO B 96 1.53 -21.74 -11.70
C PRO B 96 2.99 -21.94 -11.31
N GLY B 97 3.37 -21.44 -10.13
CA GLY B 97 4.71 -21.59 -9.62
C GLY B 97 5.84 -20.99 -10.42
N LYS B 98 5.53 -20.23 -11.45
CA LYS B 98 6.56 -19.61 -12.27
C LYS B 98 6.30 -18.14 -12.54
N LEU B 99 7.36 -17.39 -12.77
CA LEU B 99 7.26 -15.98 -13.07
C LEU B 99 7.69 -15.77 -14.51
N LEU B 100 6.78 -15.28 -15.34
CA LEU B 100 7.07 -15.05 -16.75
C LEU B 100 7.58 -13.63 -17.04
N PHE B 101 8.82 -13.37 -16.65
CA PHE B 101 9.44 -12.07 -16.87
C PHE B 101 9.37 -11.69 -18.35
N ALA B 102 9.54 -12.67 -19.21
CA ALA B 102 9.48 -12.45 -20.66
C ALA B 102 8.96 -13.73 -21.30
N PRO B 103 8.54 -13.66 -22.56
CA PRO B 103 8.04 -14.90 -23.17
C PRO B 103 9.15 -15.95 -23.25
N ASN B 104 10.40 -15.47 -23.28
CA ASN B 104 11.58 -16.31 -23.36
C ASN B 104 12.38 -16.23 -22.08
N LEU B 105 11.69 -16.07 -20.95
CA LEU B 105 12.36 -15.99 -19.67
C LEU B 105 11.37 -16.29 -18.57
N LEU B 106 11.07 -17.57 -18.40
CA LEU B 106 10.15 -18.03 -17.40
C LEU B 106 11.01 -18.64 -16.31
N LEU B 107 10.99 -18.04 -15.12
CA LEU B 107 11.78 -18.52 -13.99
C LEU B 107 10.85 -19.03 -12.91
N ASP B 108 11.39 -19.79 -11.96
CA ASP B 108 10.55 -20.28 -10.88
C ASP B 108 11.25 -20.02 -9.54
N ARG B 109 10.48 -20.13 -8.47
CA ARG B 109 10.95 -19.90 -7.13
C ARG B 109 12.43 -20.22 -6.92
N ASN B 110 12.84 -21.42 -7.33
CA ASN B 110 14.22 -21.87 -7.13
C ASN B 110 15.32 -21.11 -7.88
N GLN B 111 15.04 -20.62 -9.07
CA GLN B 111 16.08 -19.83 -9.77
C GLN B 111 16.21 -18.46 -9.11
N GLY B 112 15.31 -18.18 -8.17
CA GLY B 112 15.30 -16.93 -7.44
C GLY B 112 16.37 -17.01 -6.36
N LYS B 113 16.53 -18.20 -5.79
CA LYS B 113 17.53 -18.40 -4.76
C LYS B 113 18.90 -18.01 -5.30
N SER B 114 19.00 -17.90 -6.62
CA SER B 114 20.24 -17.54 -7.27
C SER B 114 20.78 -16.22 -6.75
N VAL B 115 19.88 -15.37 -6.23
CA VAL B 115 20.27 -14.06 -5.69
C VAL B 115 19.84 -13.92 -4.23
N GLU B 116 20.65 -13.21 -3.46
CA GLU B 116 20.38 -13.03 -2.04
C GLU B 116 19.10 -12.23 -1.77
N GLY B 117 18.30 -12.72 -0.83
CA GLY B 117 17.06 -12.06 -0.46
C GLY B 117 16.05 -11.92 -1.58
N MET B 118 16.27 -12.67 -2.64
CA MET B 118 15.41 -12.65 -3.82
C MET B 118 14.20 -13.58 -3.75
N VAL B 119 14.42 -14.79 -3.24
CA VAL B 119 13.35 -15.77 -3.16
C VAL B 119 12.09 -15.27 -2.47
N GLU B 120 12.25 -14.60 -1.33
CA GLU B 120 11.12 -14.06 -0.59
C GLU B 120 10.27 -13.22 -1.52
N ILE B 121 10.93 -12.32 -2.25
CA ILE B 121 10.21 -11.47 -3.19
C ILE B 121 9.53 -12.30 -4.28
N PHE B 122 10.19 -13.35 -4.75
CA PHE B 122 9.58 -14.21 -5.78
C PHE B 122 8.31 -14.86 -5.25
N ASP B 123 8.38 -15.30 -3.99
CA ASP B 123 7.24 -15.94 -3.37
C ASP B 123 6.06 -14.98 -3.29
N MET B 124 6.36 -13.73 -2.93
CA MET B 124 5.31 -12.72 -2.85
C MET B 124 4.69 -12.51 -4.23
N LEU B 125 5.54 -12.34 -5.25
CA LEU B 125 5.02 -12.13 -6.59
C LEU B 125 4.13 -13.31 -7.00
N LEU B 126 4.65 -14.51 -6.81
CA LEU B 126 3.90 -15.73 -7.13
C LEU B 126 2.60 -15.79 -6.32
N ALA B 127 2.65 -15.41 -5.04
CA ALA B 127 1.45 -15.42 -4.22
C ALA B 127 0.39 -14.53 -4.86
N THR B 128 0.80 -13.33 -5.27
CA THR B 128 -0.11 -12.38 -5.88
C THR B 128 -0.69 -12.99 -7.15
N SER B 129 0.20 -13.55 -7.96
CA SER B 129 -0.18 -14.18 -9.21
C SER B 129 -1.26 -15.23 -8.97
N SER B 130 -1.06 -16.07 -7.96
CA SER B 130 -2.01 -17.11 -7.60
C SER B 130 -3.35 -16.51 -7.24
N ARG B 131 -3.30 -15.41 -6.50
CA ARG B 131 -4.50 -14.72 -6.07
C ARG B 131 -5.29 -14.21 -7.29
N PHE B 132 -4.58 -13.65 -8.27
CA PHE B 132 -5.27 -13.17 -9.47
C PHE B 132 -5.92 -14.34 -10.21
N ARG B 133 -5.19 -15.45 -10.32
CA ARG B 133 -5.68 -16.65 -10.99
C ARG B 133 -6.96 -17.10 -10.30
N MET B 134 -6.85 -17.28 -8.98
CA MET B 134 -7.95 -17.70 -8.12
C MET B 134 -9.18 -16.81 -8.34
N MET B 135 -8.95 -15.51 -8.47
CA MET B 135 -10.02 -14.53 -8.68
C MET B 135 -10.47 -14.38 -10.13
N ASN B 136 -9.75 -15.04 -11.03
CA ASN B 136 -10.07 -14.98 -12.45
C ASN B 136 -10.12 -13.54 -12.95
N LEU B 137 -9.05 -12.82 -12.67
CA LEU B 137 -8.94 -11.43 -13.07
C LEU B 137 -9.01 -11.31 -14.60
N GLN B 138 -9.75 -10.31 -15.08
CA GLN B 138 -9.90 -10.07 -16.51
C GLN B 138 -8.92 -9.02 -17.00
N GLY B 139 -8.63 -9.05 -18.29
CA GLY B 139 -7.72 -8.07 -18.85
C GLY B 139 -8.26 -6.66 -18.67
N GLU B 140 -9.58 -6.50 -18.82
CA GLU B 140 -10.17 -5.18 -18.67
C GLU B 140 -9.94 -4.70 -17.24
N GLU B 141 -10.06 -5.62 -16.28
CA GLU B 141 -9.85 -5.27 -14.88
C GLU B 141 -8.39 -4.94 -14.63
N PHE B 142 -7.52 -5.81 -15.15
CA PHE B 142 -6.09 -5.61 -15.02
C PHE B 142 -5.64 -4.20 -15.39
N VAL B 143 -6.01 -3.72 -16.59
CA VAL B 143 -5.59 -2.37 -16.99
C VAL B 143 -6.17 -1.26 -16.13
N CYS B 144 -7.32 -1.51 -15.53
CA CYS B 144 -7.92 -0.51 -14.64
C CYS B 144 -7.09 -0.45 -13.37
N LEU B 145 -6.60 -1.60 -12.92
CA LEU B 145 -5.78 -1.66 -11.72
C LEU B 145 -4.43 -0.97 -11.90
N LYS B 146 -3.75 -1.28 -13.01
CA LYS B 146 -2.46 -0.69 -13.25
C LYS B 146 -2.56 0.84 -13.28
N SER B 147 -3.63 1.37 -13.87
CA SER B 147 -3.83 2.82 -13.93
C SER B 147 -4.10 3.41 -12.53
N ILE B 148 -4.86 2.69 -11.71
CA ILE B 148 -5.13 3.15 -10.36
C ILE B 148 -3.78 3.24 -9.66
N ILE B 149 -2.88 2.30 -9.93
CA ILE B 149 -1.56 2.36 -9.31
C ILE B 149 -0.79 3.61 -9.74
N LEU B 150 -0.68 3.81 -11.05
CA LEU B 150 0.05 4.97 -11.56
C LEU B 150 -0.46 6.28 -10.99
N LEU B 151 -1.77 6.41 -10.83
CA LEU B 151 -2.35 7.66 -10.32
C LEU B 151 -2.46 7.78 -8.80
N ASN B 152 -2.64 6.65 -8.12
CA ASN B 152 -2.80 6.68 -6.67
C ASN B 152 -1.51 6.63 -5.85
N SER B 153 -0.49 5.93 -6.34
CA SER B 153 0.74 5.78 -5.58
C SER B 153 1.42 6.98 -4.96
N GLY B 154 1.66 8.04 -5.73
CA GLY B 154 2.35 9.19 -5.15
C GLY B 154 1.54 10.43 -4.88
N VAL B 155 0.22 10.32 -4.94
CA VAL B 155 -0.61 11.49 -4.72
C VAL B 155 -0.59 11.99 -3.29
N TYR B 156 -0.47 11.09 -2.32
CA TYR B 156 -0.44 11.52 -0.92
C TYR B 156 0.97 11.91 -0.53
N THR B 157 1.86 11.97 -1.53
CA THR B 157 3.24 12.39 -1.31
C THR B 157 3.72 13.51 -2.23
N PHE B 158 2.80 14.36 -2.69
CA PHE B 158 3.17 15.49 -3.53
C PHE B 158 3.83 16.54 -2.64
N LEU B 159 3.17 17.68 -2.51
CA LEU B 159 3.64 18.80 -1.67
C LEU B 159 2.44 19.53 -1.08
N SER B 161 3.56 23.20 -0.79
CA SER B 161 2.18 22.93 -1.16
C SER B 161 1.56 24.17 -1.82
N THR B 162 1.56 24.19 -3.14
CA THR B 162 0.99 25.30 -3.88
C THR B 162 -0.50 25.12 -4.10
N LEU B 163 -1.11 26.14 -4.66
CA LEU B 163 -2.52 26.14 -5.01
C LEU B 163 -2.68 25.21 -6.19
N LYS B 164 -1.63 25.14 -6.99
CA LYS B 164 -1.61 24.32 -8.17
C LYS B 164 -1.70 22.84 -7.79
N SER B 165 -0.92 22.44 -6.80
CA SER B 165 -0.92 21.05 -6.36
C SER B 165 -2.30 20.60 -5.88
N LEU B 166 -3.05 21.53 -5.29
CA LEU B 166 -4.39 21.20 -4.83
C LEU B 166 -5.29 20.82 -6.01
N GLU B 167 -5.23 21.61 -7.07
CA GLU B 167 -6.02 21.34 -8.25
C GLU B 167 -5.59 20.01 -8.86
N GLU B 168 -4.28 19.74 -8.83
CA GLU B 168 -3.75 18.49 -9.36
C GLU B 168 -4.32 17.28 -8.59
N LYS B 169 -4.16 17.28 -7.27
CA LYS B 169 -4.67 16.19 -6.45
C LYS B 169 -6.16 16.06 -6.70
N ASP B 170 -6.84 17.18 -6.88
CA ASP B 170 -8.27 17.14 -7.12
C ASP B 170 -8.58 16.40 -8.42
N HIS B 171 -7.82 16.74 -9.45
CA HIS B 171 -7.95 16.14 -10.77
C HIS B 171 -7.73 14.64 -10.71
N ILE B 172 -6.65 14.25 -10.04
CA ILE B 172 -6.30 12.85 -9.90
C ILE B 172 -7.44 12.06 -9.28
N HIS B 173 -8.01 12.56 -8.19
CA HIS B 173 -9.11 11.88 -7.51
C HIS B 173 -10.33 11.75 -8.40
N ARG B 174 -10.54 12.71 -9.27
CA ARG B 174 -11.68 12.63 -10.18
C ARG B 174 -11.50 11.48 -11.17
N VAL B 175 -10.26 11.31 -11.65
CA VAL B 175 -9.93 10.26 -12.60
C VAL B 175 -9.96 8.89 -11.90
N LEU B 176 -9.56 8.87 -10.64
CA LEU B 176 -9.57 7.64 -9.88
C LEU B 176 -11.02 7.18 -9.70
N ASP B 177 -11.92 8.13 -9.41
CA ASP B 177 -13.34 7.80 -9.23
C ASP B 177 -13.88 7.27 -10.54
N LYS B 178 -13.51 7.93 -11.62
CA LYS B 178 -13.96 7.53 -12.94
C LYS B 178 -13.56 6.08 -13.19
N ILE B 179 -12.32 5.74 -12.83
CA ILE B 179 -11.83 4.37 -13.02
C ILE B 179 -12.57 3.38 -12.12
N THR B 180 -12.97 3.80 -10.94
CA THR B 180 -13.71 2.91 -10.06
C THR B 180 -15.06 2.64 -10.74
N ASP B 181 -15.65 3.69 -11.33
CA ASP B 181 -16.92 3.55 -12.05
C ASP B 181 -16.77 2.48 -13.13
N THR B 182 -15.64 2.50 -13.83
CA THR B 182 -15.35 1.56 -14.89
C THR B 182 -15.22 0.13 -14.40
N LEU B 183 -14.60 -0.05 -13.23
CA LEU B 183 -14.44 -1.41 -12.69
C LEU B 183 -15.81 -1.97 -12.36
N ILE B 184 -16.64 -1.17 -11.70
CA ILE B 184 -17.96 -1.62 -11.34
C ILE B 184 -18.75 -1.97 -12.60
N HIS B 185 -18.66 -1.12 -13.62
CA HIS B 185 -19.36 -1.33 -14.88
C HIS B 185 -18.98 -2.68 -15.50
N LEU B 186 -17.69 -3.01 -15.46
CA LEU B 186 -17.20 -4.27 -16.00
C LEU B 186 -17.83 -5.39 -15.21
N MET B 187 -17.81 -5.26 -13.89
CA MET B 187 -18.35 -6.27 -13.00
C MET B 187 -19.85 -6.49 -13.11
N ALA B 188 -20.60 -5.41 -13.33
CA ALA B 188 -22.05 -5.49 -13.47
C ALA B 188 -22.41 -6.20 -14.78
N LYS B 189 -21.73 -5.79 -15.86
CA LYS B 189 -21.94 -6.37 -17.19
C LYS B 189 -21.60 -7.86 -17.17
N ALA B 190 -20.66 -8.23 -16.32
CA ALA B 190 -20.26 -9.63 -16.19
C ALA B 190 -21.36 -10.39 -15.48
N GLY B 191 -22.30 -9.65 -14.90
CA GLY B 191 -23.41 -10.28 -14.22
C GLY B 191 -23.30 -10.49 -12.72
N LEU B 192 -22.34 -9.87 -12.04
CA LEU B 192 -22.23 -10.04 -10.58
C LEU B 192 -23.30 -9.19 -9.91
N THR B 193 -23.79 -9.63 -8.75
CA THR B 193 -24.81 -8.88 -8.04
C THR B 193 -24.19 -7.59 -7.51
N LEU B 194 -24.99 -6.78 -6.82
CA LEU B 194 -24.49 -5.53 -6.25
C LEU B 194 -23.52 -5.81 -5.14
N GLN B 195 -23.81 -6.85 -4.36
CA GLN B 195 -22.95 -7.22 -3.26
C GLN B 195 -21.63 -7.80 -3.77
N GLN B 196 -21.69 -8.65 -4.79
CA GLN B 196 -20.49 -9.26 -5.34
C GLN B 196 -19.58 -8.21 -5.93
N GLN B 197 -20.19 -7.17 -6.49
CA GLN B 197 -19.46 -6.06 -7.09
C GLN B 197 -18.58 -5.35 -6.06
N HIS B 198 -19.18 -4.99 -4.94
CA HIS B 198 -18.49 -4.29 -3.84
C HIS B 198 -17.38 -5.12 -3.25
N GLN B 199 -17.68 -6.38 -3.00
CA GLN B 199 -16.72 -7.30 -2.43
C GLN B 199 -15.50 -7.51 -3.32
N ARG B 200 -15.73 -7.70 -4.62
CA ARG B 200 -14.64 -7.90 -5.56
C ARG B 200 -13.82 -6.62 -5.66
N LEU B 201 -14.50 -5.50 -5.83
CA LEU B 201 -13.84 -4.22 -5.93
C LEU B 201 -12.89 -4.06 -4.75
N ALA B 202 -13.38 -4.46 -3.57
CA ALA B 202 -12.60 -4.37 -2.36
C ALA B 202 -11.43 -5.34 -2.41
N GLN B 203 -11.70 -6.58 -2.78
CA GLN B 203 -10.64 -7.60 -2.87
C GLN B 203 -9.52 -7.14 -3.79
N LEU B 204 -9.87 -6.58 -4.95
CA LEU B 204 -8.84 -6.12 -5.88
C LEU B 204 -8.03 -4.98 -5.28
N LEU B 205 -8.72 -3.97 -4.74
CA LEU B 205 -8.03 -2.82 -4.16
C LEU B 205 -7.15 -3.22 -3.00
N LEU B 206 -7.57 -4.21 -2.23
CA LEU B 206 -6.74 -4.65 -1.13
C LEU B 206 -5.45 -5.29 -1.64
N ILE B 207 -5.53 -5.97 -2.78
CA ILE B 207 -4.32 -6.59 -3.33
C ILE B 207 -3.31 -5.53 -3.70
N LEU B 208 -3.80 -4.32 -3.99
CA LEU B 208 -2.90 -3.22 -4.35
C LEU B 208 -1.96 -2.84 -3.22
N SER B 209 -2.40 -2.92 -1.97
CA SER B 209 -1.51 -2.51 -0.90
C SER B 209 -0.43 -3.55 -0.68
N HIS B 210 -0.72 -4.76 -1.13
CA HIS B 210 0.27 -5.79 -1.01
C HIS B 210 1.34 -5.54 -2.08
N ILE B 211 0.90 -5.08 -3.25
CA ILE B 211 1.82 -4.81 -4.34
C ILE B 211 2.71 -3.65 -3.94
N ARG B 212 2.15 -2.71 -3.20
CA ARG B 212 2.90 -1.55 -2.73
C ARG B 212 4.01 -2.06 -1.82
N HIS B 213 3.64 -2.98 -0.94
CA HIS B 213 4.58 -3.58 0.00
C HIS B 213 5.71 -4.29 -0.77
N MET B 214 5.35 -5.12 -1.74
CA MET B 214 6.35 -5.83 -2.53
C MET B 214 7.30 -4.82 -3.18
N SER B 215 6.74 -3.69 -3.61
CA SER B 215 7.50 -2.61 -4.23
C SER B 215 8.56 -2.08 -3.28
N ASN B 216 8.16 -1.81 -2.03
CA ASN B 216 9.09 -1.32 -1.03
C ASN B 216 10.24 -2.29 -0.78
N LYS B 217 9.92 -3.58 -0.65
CA LYS B 217 10.96 -4.57 -0.44
C LYS B 217 11.89 -4.60 -1.66
N GLY B 218 11.29 -4.62 -2.85
CA GLY B 218 12.05 -4.65 -4.08
C GLY B 218 13.00 -3.48 -4.22
N MET B 219 12.60 -2.30 -3.74
CA MET B 219 13.46 -1.12 -3.82
C MET B 219 14.68 -1.36 -2.94
N GLU B 220 14.42 -1.79 -1.71
CA GLU B 220 15.49 -2.06 -0.77
C GLU B 220 16.46 -3.08 -1.33
N HIS B 221 15.90 -4.13 -1.94
CA HIS B 221 16.70 -5.17 -2.54
C HIS B 221 17.55 -4.64 -3.66
N LEU B 222 16.92 -3.93 -4.59
CA LEU B 222 17.62 -3.37 -5.73
C LEU B 222 18.76 -2.47 -5.25
N TYR B 223 18.47 -1.63 -4.28
CA TYR B 223 19.45 -0.71 -3.73
C TYR B 223 20.61 -1.46 -3.06
N SER B 224 20.32 -2.54 -2.37
CA SER B 224 21.38 -3.28 -1.72
C SER B 224 22.27 -3.91 -2.80
N MET B 225 21.65 -4.52 -3.81
CA MET B 225 22.41 -5.15 -4.89
C MET B 225 23.29 -4.10 -5.54
N LYS B 226 22.87 -2.85 -5.49
CA LYS B 226 23.62 -1.75 -6.07
C LYS B 226 24.81 -1.40 -5.17
N SER B 227 24.79 -1.90 -3.94
CA SER B 227 25.88 -1.67 -3.00
C SER B 227 26.93 -2.77 -3.21
N LYS B 228 26.44 -3.98 -3.54
CA LYS B 228 27.29 -5.14 -3.81
C LYS B 228 27.91 -5.01 -5.20
N ASN B 229 27.45 -4.03 -5.96
CA ASN B 229 27.97 -3.80 -7.31
C ASN B 229 27.63 -4.85 -8.34
N VAL B 230 26.39 -5.32 -8.32
CA VAL B 230 25.97 -6.32 -9.27
C VAL B 230 24.88 -5.77 -10.21
N VAL B 231 24.75 -4.44 -10.22
CA VAL B 231 23.77 -3.77 -11.08
C VAL B 231 24.44 -2.87 -12.12
N PRO B 232 24.28 -3.22 -13.40
CA PRO B 232 24.89 -2.42 -14.48
C PRO B 232 24.39 -0.98 -14.39
N LEU B 233 25.21 -0.03 -14.83
CA LEU B 233 24.83 1.38 -14.77
C LEU B 233 23.83 1.82 -15.82
N TYR B 234 22.61 1.28 -15.72
CA TYR B 234 21.51 1.63 -16.61
C TYR B 234 20.99 3.00 -16.20
N ASP B 235 21.19 3.98 -17.08
CA ASP B 235 20.79 5.36 -16.81
C ASP B 235 19.38 5.58 -16.26
N LEU B 236 18.36 5.05 -16.93
CA LEU B 236 16.99 5.25 -16.47
C LEU B 236 16.67 4.51 -15.17
N LEU B 237 16.94 3.21 -15.12
CA LEU B 237 16.66 2.48 -13.90
C LEU B 237 17.30 3.15 -12.70
N LEU B 238 18.60 3.43 -12.77
CA LEU B 238 19.29 4.06 -11.65
C LEU B 238 18.61 5.37 -11.22
N GLU B 239 18.17 6.15 -12.20
CA GLU B 239 17.49 7.41 -11.91
C GLU B 239 16.21 7.17 -11.11
N MET B 240 15.37 6.28 -11.62
CA MET B 240 14.10 5.92 -10.97
C MET B 240 14.34 5.34 -9.58
N LEU B 241 15.48 4.68 -9.39
CA LEU B 241 15.81 4.10 -8.10
C LEU B 241 16.33 5.14 -7.16
N ASP B 242 16.85 6.24 -7.70
CA ASP B 242 17.39 7.30 -6.87
C ASP B 242 16.29 8.21 -6.37
N ALA B 243 15.13 8.12 -7.01
CA ALA B 243 13.98 8.93 -6.63
C ALA B 243 13.79 8.83 -5.13
N HIS B 244 13.63 7.62 -4.62
CA HIS B 244 13.44 7.40 -3.18
C HIS B 244 14.72 7.79 -2.41
N LYS C 1 11.82 -12.05 22.80
CA LYS C 1 11.53 -13.15 21.84
C LYS C 1 10.48 -14.07 22.41
N ILE C 3 7.44 -13.12 23.45
CA ILE C 3 6.53 -12.31 24.25
C ILE C 3 5.14 -12.21 23.65
N LEU C 4 5.09 -12.09 22.34
CA LEU C 4 3.82 -11.96 21.65
C LEU C 4 2.93 -13.20 21.73
N CYS C 5 3.49 -14.37 21.49
CA CYS C 5 2.68 -15.58 21.55
C CYS C 5 2.06 -15.79 22.95
N ARG C 6 2.72 -15.24 23.98
CA ARG C 6 2.24 -15.40 25.36
C ARG C 6 1.14 -14.42 25.64
N LEU C 7 1.34 -13.16 25.22
CA LEU C 7 0.32 -12.15 25.44
C LEU C 7 -1.00 -12.52 24.74
N LEU C 8 -0.89 -13.16 23.58
CA LEU C 8 -2.08 -13.57 22.83
C LEU C 8 -2.68 -14.83 23.46
N GLN C 9 -1.90 -15.43 24.36
CA GLN C 9 -2.30 -16.64 25.05
C GLN C 9 -3.33 -16.29 26.10
N LYS D 1 20.52 12.80 -14.28
CA LYS D 1 20.06 14.13 -13.80
C LYS D 1 18.98 14.62 -14.73
N ILE D 3 16.65 12.17 -17.21
CA ILE D 3 16.13 11.25 -18.22
C ILE D 3 14.65 11.21 -18.26
N LEU D 4 14.02 11.08 -17.10
CA LEU D 4 12.59 11.02 -17.05
C LEU D 4 11.82 12.24 -17.63
N CYS D 5 12.28 13.46 -17.34
CA CYS D 5 11.56 14.66 -17.83
C CYS D 5 11.72 14.82 -19.35
N ARG D 6 12.87 14.40 -19.89
CA ARG D 6 13.12 14.47 -21.32
C ARG D 6 12.09 13.65 -22.04
N LEU D 7 12.01 12.37 -21.70
CA LEU D 7 11.06 11.46 -22.31
C LEU D 7 9.61 11.94 -22.05
N LEU D 8 9.39 12.60 -20.93
CA LEU D 8 8.07 13.11 -20.61
C LEU D 8 7.76 14.41 -21.36
N GLN D 9 8.70 15.34 -21.37
CA GLN D 9 8.54 16.63 -22.06
C GLN D 9 8.38 16.46 -23.55
#